data_6SA6
#
_entry.id   6SA6
#
_cell.length_a   57.080
_cell.length_b   51.560
_cell.length_c   67.720
_cell.angle_alpha   90.000
_cell.angle_beta   95.240
_cell.angle_gamma   90.000
#
_symmetry.space_group_name_H-M   'P 1 21 1'
#
loop_
_entity.id
_entity.type
_entity.pdbx_description
1 polymer 'DARPin-Armadillo fusion A5'
2 non-polymer 'CHLORIDE ION'
3 non-polymer 1,2-ETHANEDIOL
4 water water
#
_entity_poly.entity_id   1
_entity_poly.type   'polypeptide(L)'
_entity_poly.pdbx_seq_one_letter_code
;GPGSDLGKKLLEAARAGQDDEVRILLANGADVNTADETGFTPLHLAAWEGHLGIVEVLLKNGADVNANDERGHTPLHLAA
YTGHLEIVEVLLKNGAGVNATDVIGTAPLHLAAMWGHLEIVEVLLKNGAKAEAKDKFGKTPEDLARDNGYEAVARLAELA
ALVLKLNANDDQIIQEALWKLGNHASGGNLRIQWVIDAGALPALVQLLSSPNEQILQEALWTLGNIASGGNEQIQAVIDA
GALPALVQLLSSPNEQILQEALWTLGNIASGGNEQIQAVIDAGALPALVQLLSSPNEQILQEALWTLGNIASGGNEQIQA
VIDAGALPALVQLLSSPNEQILQEALWTLGNIASGGNEQKQAVKEAGALEKLEQLQSHENEKIQKEAQEALEKLQSH
;
_entity_poly.pdbx_strand_id   A
#
loop_
_chem_comp.id
_chem_comp.type
_chem_comp.name
_chem_comp.formula
CL non-polymer 'CHLORIDE ION' 'Cl -1'
EDO non-polymer 1,2-ETHANEDIOL 'C2 H6 O2'
#
# COMPACT_ATOMS: atom_id res chain seq x y z
N GLY A 3 26.47 57.89 -6.62
CA GLY A 3 25.18 57.95 -5.94
C GLY A 3 24.10 57.14 -6.63
N SER A 4 24.49 56.38 -7.64
CA SER A 4 23.53 55.55 -8.37
C SER A 4 22.88 54.55 -7.42
N ASP A 5 21.56 54.40 -7.55
CA ASP A 5 20.80 53.49 -6.70
C ASP A 5 20.91 52.10 -7.30
N LEU A 6 22.06 51.46 -7.06
CA LEU A 6 22.32 50.16 -7.68
C LEU A 6 21.29 49.13 -7.24
N GLY A 7 20.87 49.17 -5.98
CA GLY A 7 19.88 48.22 -5.49
C GLY A 7 18.58 48.31 -6.27
N LYS A 8 18.06 49.52 -6.46
CA LYS A 8 16.83 49.68 -7.21
C LYS A 8 17.01 49.20 -8.64
N LYS A 9 18.14 49.54 -9.26
CA LYS A 9 18.38 49.12 -10.64
C LYS A 9 18.46 47.60 -10.74
N LEU A 10 19.04 46.95 -9.73
CA LEU A 10 19.16 45.50 -9.76
C LEU A 10 17.79 44.84 -9.65
N LEU A 11 16.96 45.31 -8.71
CA LEU A 11 15.58 44.82 -8.62
C LEU A 11 14.86 44.94 -9.94
N GLU A 12 14.98 46.10 -10.59
CA GLU A 12 14.28 46.32 -11.85
C GLU A 12 14.86 45.46 -12.97
N ALA A 13 16.18 45.31 -13.02
CA ALA A 13 16.80 44.48 -14.05
C ALA A 13 16.44 43.01 -13.87
N ALA A 14 16.40 42.55 -12.62
CA ALA A 14 16.05 41.15 -12.36
C ALA A 14 14.61 40.87 -12.77
N ARG A 15 13.71 41.79 -12.45
CA ARG A 15 12.32 41.54 -12.80
C ARG A 15 12.10 41.61 -14.30
N ALA A 16 12.83 42.49 -15.00
CA ALA A 16 12.65 42.67 -16.43
C ALA A 16 13.38 41.62 -17.24
N GLY A 17 14.20 40.79 -16.61
CA GLY A 17 14.95 39.77 -17.33
C GLY A 17 16.13 40.30 -18.11
N GLN A 18 16.77 41.36 -17.63
N GLN A 18 16.76 41.38 -17.64
CA GLN A 18 17.90 41.99 -18.32
CA GLN A 18 17.90 41.98 -18.32
C GLN A 18 19.18 41.34 -17.81
C GLN A 18 19.17 41.33 -17.80
N ASP A 19 19.55 40.23 -18.45
CA ASP A 19 20.65 39.41 -17.94
C ASP A 19 21.96 40.20 -17.88
N ASP A 20 22.30 40.93 -18.94
CA ASP A 20 23.56 41.65 -18.93
C ASP A 20 23.57 42.74 -17.88
N GLU A 21 22.46 43.45 -17.71
CA GLU A 21 22.42 44.53 -16.72
C GLU A 21 22.56 43.99 -15.29
N VAL A 22 21.96 42.83 -15.01
CA VAL A 22 22.13 42.20 -13.71
C VAL A 22 23.60 41.89 -13.45
N ARG A 23 24.25 41.26 -14.43
CA ARG A 23 25.66 40.92 -14.31
C ARG A 23 26.50 42.17 -14.04
N ILE A 24 26.23 43.25 -14.77
CA ILE A 24 27.04 44.47 -14.62
C ILE A 24 26.78 45.12 -13.27
N LEU A 25 25.51 45.20 -12.85
CA LEU A 25 25.20 45.79 -11.55
C LEU A 25 25.85 45.02 -10.42
N LEU A 26 25.81 43.69 -10.47
CA LEU A 26 26.45 42.88 -9.44
C LEU A 26 27.96 43.09 -9.44
N ALA A 27 28.57 43.15 -10.62
CA ALA A 27 30.00 43.41 -10.71
C ALA A 27 30.34 44.77 -10.12
N ASN A 28 29.44 45.75 -10.24
CA ASN A 28 29.67 47.08 -9.72
C ASN A 28 29.27 47.23 -8.25
N GLY A 29 28.97 46.12 -7.57
CA GLY A 29 28.79 46.14 -6.13
C GLY A 29 27.36 46.21 -5.64
N ALA A 30 26.37 46.07 -6.52
CA ALA A 30 24.99 46.07 -6.07
C ALA A 30 24.78 44.95 -5.05
N ASP A 31 24.03 45.24 -4.00
CA ASP A 31 23.73 44.26 -2.96
C ASP A 31 22.80 43.20 -3.54
N VAL A 32 23.29 41.96 -3.65
CA VAL A 32 22.50 40.87 -4.22
C VAL A 32 21.24 40.59 -3.43
N ASN A 33 21.22 40.95 -2.13
CA ASN A 33 20.08 40.75 -1.28
C ASN A 33 19.33 42.05 -1.00
N THR A 34 19.46 43.03 -1.89
CA THR A 34 18.61 44.21 -1.87
C THR A 34 17.15 43.82 -1.69
N ALA A 35 16.43 44.59 -0.90
CA ALA A 35 15.01 44.36 -0.67
C ALA A 35 14.21 45.60 -1.05
N ASP A 36 13.05 45.39 -1.68
CA ASP A 36 12.18 46.49 -2.05
C ASP A 36 11.24 46.84 -0.89
N GLU A 37 10.36 47.80 -1.17
N GLU A 37 10.26 47.70 -1.16
CA GLU A 37 9.30 48.25 -0.28
CA GLU A 37 9.45 48.27 -0.07
C GLU A 37 8.80 47.17 0.67
C GLU A 37 8.68 47.21 0.70
N THR A 38 8.38 46.05 0.09
CA THR A 38 7.69 44.99 0.83
C THR A 38 8.54 43.73 0.99
N GLY A 39 9.85 43.84 0.79
CA GLY A 39 10.75 42.76 1.11
C GLY A 39 11.16 41.87 -0.03
N PHE A 40 10.71 42.16 -1.25
CA PHE A 40 11.12 41.35 -2.40
C PHE A 40 12.59 41.59 -2.71
N THR A 41 13.34 40.52 -2.88
CA THR A 41 14.72 40.59 -3.34
C THR A 41 14.77 40.35 -4.85
N PRO A 42 15.90 40.63 -5.49
CA PRO A 42 16.04 40.29 -6.93
C PRO A 42 15.71 38.83 -7.20
N LEU A 43 16.10 37.94 -6.29
CA LEU A 43 15.81 36.51 -6.49
C LEU A 43 14.31 36.24 -6.45
N HIS A 44 13.58 36.91 -5.54
CA HIS A 44 12.12 36.81 -5.55
C HIS A 44 11.58 37.15 -6.94
N LEU A 45 11.98 38.31 -7.47
CA LEU A 45 11.38 38.83 -8.69
C LEU A 45 11.75 37.97 -9.88
N ALA A 46 13.00 37.51 -9.94
CA ALA A 46 13.43 36.64 -11.02
C ALA A 46 12.71 35.31 -10.97
N ALA A 47 12.48 34.78 -9.76
CA ALA A 47 11.73 33.53 -9.63
C ALA A 47 10.29 33.72 -10.11
N TRP A 48 9.65 34.81 -9.67
CA TRP A 48 8.28 35.08 -10.08
C TRP A 48 8.16 35.17 -11.59
N GLU A 49 9.08 35.90 -12.23
CA GLU A 49 8.99 36.16 -13.65
C GLU A 49 9.51 35.01 -14.51
N GLY A 50 10.19 34.05 -13.90
CA GLY A 50 10.67 32.88 -14.61
C GLY A 50 12.00 33.06 -15.31
N HIS A 51 12.85 33.98 -14.84
CA HIS A 51 14.14 34.26 -15.48
C HIS A 51 15.19 33.34 -14.88
N LEU A 52 15.33 32.16 -15.49
CA LEU A 52 16.19 31.11 -14.93
C LEU A 52 17.65 31.54 -14.89
N GLY A 53 18.15 32.15 -15.96
CA GLY A 53 19.54 32.57 -15.99
C GLY A 53 19.86 33.56 -14.88
N ILE A 54 18.95 34.50 -14.64
CA ILE A 54 19.18 35.50 -13.59
C ILE A 54 19.09 34.87 -12.21
N VAL A 55 18.16 33.93 -12.00
CA VAL A 55 18.12 33.17 -10.76
C VAL A 55 19.47 32.53 -10.49
N GLU A 56 20.04 31.86 -11.50
CA GLU A 56 21.32 31.20 -11.31
C GLU A 56 22.43 32.18 -11.01
N VAL A 57 22.45 33.33 -11.70
CA VAL A 57 23.49 34.32 -11.49
C VAL A 57 23.39 34.91 -10.09
N LEU A 58 22.16 35.21 -9.64
CA LEU A 58 21.99 35.77 -8.31
C LEU A 58 22.47 34.79 -7.23
N LEU A 59 22.10 33.52 -7.36
CA LEU A 59 22.55 32.52 -6.39
C LEU A 59 24.07 32.37 -6.42
N LYS A 60 24.66 32.36 -7.63
CA LYS A 60 26.12 32.31 -7.74
C LYS A 60 26.78 33.47 -7.02
N ASN A 61 26.09 34.61 -6.96
CA ASN A 61 26.62 35.80 -6.31
C ASN A 61 26.18 35.93 -4.85
N GLY A 62 25.67 34.86 -4.27
CA GLY A 62 25.38 34.83 -2.84
C GLY A 62 24.00 35.25 -2.44
N ALA A 63 23.03 35.25 -3.36
CA ALA A 63 21.65 35.56 -2.99
C ALA A 63 21.16 34.60 -1.92
N ASP A 64 20.41 35.14 -0.95
CA ASP A 64 19.79 34.35 0.10
C ASP A 64 18.62 33.56 -0.48
N VAL A 65 18.82 32.25 -0.63
CA VAL A 65 17.82 31.39 -1.28
C VAL A 65 16.50 31.35 -0.52
N ASN A 66 16.51 31.65 0.78
CA ASN A 66 15.32 31.58 1.61
C ASN A 66 14.90 32.94 2.14
N ALA A 67 15.27 34.01 1.44
CA ALA A 67 14.83 35.35 1.82
C ALA A 67 13.32 35.41 1.94
N ASN A 68 12.85 36.04 3.02
CA ASN A 68 11.42 36.23 3.26
C ASN A 68 11.04 37.65 2.90
N ASP A 69 9.96 37.82 2.16
CA ASP A 69 9.36 39.15 2.01
C ASP A 69 8.51 39.40 3.26
N GLU A 70 7.75 40.50 3.29
CA GLU A 70 7.04 40.82 4.52
C GLU A 70 5.85 39.90 4.76
N ARG A 71 5.41 39.17 3.75
CA ARG A 71 4.38 38.13 3.91
C ARG A 71 4.97 36.79 4.33
N GLY A 72 6.28 36.63 4.27
CA GLY A 72 6.90 35.36 4.52
C GLY A 72 7.05 34.51 3.29
N HIS A 73 6.73 35.03 2.12
CA HIS A 73 6.98 34.30 0.87
C HIS A 73 8.48 34.24 0.60
N THR A 74 8.95 33.06 0.23
CA THR A 74 10.32 32.84 -0.22
C THR A 74 10.36 32.74 -1.74
N PRO A 75 11.53 32.82 -2.34
CA PRO A 75 11.62 32.57 -3.79
C PRO A 75 11.01 31.24 -4.20
N LEU A 76 11.11 30.21 -3.37
CA LEU A 76 10.49 28.93 -3.71
C LEU A 76 8.97 29.03 -3.75
N HIS A 77 8.37 29.76 -2.80
CA HIS A 77 6.94 30.00 -2.88
C HIS A 77 6.57 30.58 -4.24
N LEU A 78 7.31 31.61 -4.67
CA LEU A 78 6.95 32.35 -5.87
C LEU A 78 7.16 31.50 -7.12
N ALA A 79 8.23 30.71 -7.14
CA ALA A 79 8.46 29.84 -8.30
C ALA A 79 7.42 28.73 -8.38
N ALA A 80 7.03 28.18 -7.22
CA ALA A 80 5.98 27.17 -7.20
C ALA A 80 4.66 27.76 -7.66
N TYR A 81 4.33 28.97 -7.17
CA TYR A 81 3.07 29.61 -7.52
C TYR A 81 2.97 29.86 -9.02
N THR A 82 4.05 30.34 -9.63
CA THR A 82 4.04 30.75 -11.02
C THR A 82 4.32 29.58 -11.97
N GLY A 83 4.60 28.40 -11.43
CA GLY A 83 4.79 27.21 -12.25
C GLY A 83 6.12 27.10 -12.94
N HIS A 84 7.16 27.76 -12.42
CA HIS A 84 8.48 27.77 -13.05
C HIS A 84 9.29 26.61 -12.49
N LEU A 85 9.17 25.46 -13.16
CA LEU A 85 9.69 24.19 -12.65
C LEU A 85 11.20 24.19 -12.57
N GLU A 86 11.89 24.67 -13.62
CA GLU A 86 13.35 24.66 -13.61
C GLU A 86 13.89 25.54 -12.49
N ILE A 87 13.22 26.66 -12.21
CA ILE A 87 13.64 27.52 -11.12
C ILE A 87 13.39 26.84 -9.78
N VAL A 88 12.27 26.13 -9.64
CA VAL A 88 12.03 25.36 -8.42
C VAL A 88 13.20 24.41 -8.17
N GLU A 89 13.61 23.67 -9.22
CA GLU A 89 14.70 22.73 -9.06
C GLU A 89 16.00 23.41 -8.66
N VAL A 90 16.33 24.53 -9.31
CA VAL A 90 17.56 25.26 -9.00
C VAL A 90 17.53 25.76 -7.56
N LEU A 91 16.39 26.30 -7.12
CA LEU A 91 16.30 26.80 -5.76
C LEU A 91 16.51 25.66 -4.75
N LEU A 92 15.87 24.53 -4.96
CA LEU A 92 16.04 23.39 -4.05
C LEU A 92 17.48 22.89 -4.05
N LYS A 93 18.10 22.84 -5.24
CA LYS A 93 19.51 22.49 -5.35
C LYS A 93 20.39 23.41 -4.53
N ASN A 94 19.98 24.67 -4.38
CA ASN A 94 20.73 25.65 -3.62
C ASN A 94 20.23 25.78 -2.18
N GLY A 95 19.42 24.84 -1.72
CA GLY A 95 19.05 24.77 -0.32
C GLY A 95 17.76 25.47 0.06
N ALA A 96 16.88 25.74 -0.90
CA ALA A 96 15.61 26.36 -0.55
C ALA A 96 14.84 25.48 0.43
N GLY A 97 14.15 26.13 1.38
CA GLY A 97 13.35 25.43 2.36
C GLY A 97 12.04 24.93 1.79
N VAL A 98 11.97 23.61 1.57
CA VAL A 98 10.82 23.03 0.90
C VAL A 98 9.55 23.12 1.72
N ASN A 99 9.65 23.23 3.03
CA ASN A 99 8.48 23.31 3.90
C ASN A 99 8.32 24.68 4.54
N ALA A 100 8.97 25.70 3.97
CA ALA A 100 8.82 27.05 4.50
C ALA A 100 7.36 27.49 4.47
N THR A 101 6.91 28.15 5.52
CA THR A 101 5.53 28.62 5.60
C THR A 101 5.52 30.14 5.70
N ASP A 102 4.55 30.77 5.03
CA ASP A 102 4.40 32.22 5.15
C ASP A 102 3.60 32.53 6.41
N VAL A 103 3.21 33.79 6.60
CA VAL A 103 2.59 34.18 7.87
C VAL A 103 1.22 33.55 8.11
N ILE A 104 0.59 32.97 7.08
CA ILE A 104 -0.66 32.27 7.31
C ILE A 104 -0.51 30.78 7.04
N GLY A 105 0.72 30.28 7.17
CA GLY A 105 0.98 28.86 7.16
C GLY A 105 1.06 28.22 5.80
N THR A 106 1.10 29.01 4.74
CA THR A 106 1.10 28.47 3.38
C THR A 106 2.51 28.06 3.00
N ALA A 107 2.64 26.82 2.52
CA ALA A 107 3.91 26.28 2.07
C ALA A 107 3.95 26.23 0.53
N PRO A 108 5.13 26.07 -0.06
CA PRO A 108 5.20 26.00 -1.53
C PRO A 108 4.28 24.95 -2.13
N LEU A 109 4.10 23.81 -1.45
CA LEU A 109 3.23 22.77 -1.98
C LEU A 109 1.79 23.25 -2.10
N HIS A 110 1.32 24.08 -1.16
CA HIS A 110 -0.02 24.65 -1.28
C HIS A 110 -0.16 25.38 -2.62
N LEU A 111 0.84 26.20 -2.96
CA LEU A 111 0.76 27.08 -4.12
C LEU A 111 0.88 26.29 -5.42
N ALA A 112 1.69 25.23 -5.42
CA ALA A 112 1.76 24.38 -6.62
C ALA A 112 0.47 23.59 -6.80
N ALA A 113 -0.10 23.09 -5.71
CA ALA A 113 -1.31 22.28 -5.81
C ALA A 113 -2.50 23.10 -6.30
N MET A 114 -2.65 24.33 -5.80
CA MET A 114 -3.84 25.10 -6.14
C MET A 114 -3.97 25.36 -7.64
N TRP A 115 -2.85 25.48 -8.35
CA TRP A 115 -2.86 25.72 -9.78
C TRP A 115 -2.74 24.44 -10.60
N GLY A 116 -2.54 23.30 -9.96
CA GLY A 116 -2.29 22.08 -10.71
C GLY A 116 -0.95 22.03 -11.40
N HIS A 117 0.08 22.65 -10.81
CA HIS A 117 1.45 22.53 -11.30
C HIS A 117 1.98 21.18 -10.81
N LEU A 118 1.58 20.10 -11.51
CA LEU A 118 1.77 18.77 -10.95
C LEU A 118 3.20 18.27 -11.06
N GLU A 119 3.98 18.73 -12.06
CA GLU A 119 5.39 18.38 -12.06
C GLU A 119 6.11 19.01 -10.86
N ILE A 120 5.73 20.24 -10.50
CA ILE A 120 6.33 20.90 -9.34
C ILE A 120 5.89 20.19 -8.06
N VAL A 121 4.62 19.79 -7.99
CA VAL A 121 4.16 18.99 -6.85
C VAL A 121 5.06 17.79 -6.66
N GLU A 122 5.30 17.04 -7.74
CA GLU A 122 6.12 15.85 -7.67
C GLU A 122 7.52 16.16 -7.15
N VAL A 123 8.14 17.23 -7.68
CA VAL A 123 9.49 17.61 -7.26
C VAL A 123 9.49 18.03 -5.79
N LEU A 124 8.51 18.82 -5.36
CA LEU A 124 8.46 19.22 -3.96
C LEU A 124 8.33 18.02 -3.03
N LEU A 125 7.43 17.10 -3.35
CA LEU A 125 7.28 15.89 -2.54
C LEU A 125 8.56 15.07 -2.53
N LYS A 126 9.23 14.97 -3.69
CA LYS A 126 10.49 14.24 -3.76
C LYS A 126 11.56 14.86 -2.86
N ASN A 127 11.48 16.17 -2.63
CA ASN A 127 12.46 16.88 -1.81
C ASN A 127 12.01 17.06 -0.36
N GLY A 128 10.94 16.39 0.04
CA GLY A 128 10.55 16.33 1.43
C GLY A 128 9.40 17.21 1.82
N ALA A 129 8.65 17.74 0.87
CA ALA A 129 7.50 18.57 1.22
C ALA A 129 6.47 17.74 1.98
N LYS A 130 5.84 18.37 2.96
CA LYS A 130 4.86 17.71 3.83
C LYS A 130 3.46 17.87 3.25
N ALA A 131 2.85 16.75 2.85
CA ALA A 131 1.52 16.82 2.23
C ALA A 131 0.43 17.14 3.23
N GLU A 132 0.65 16.88 4.52
CA GLU A 132 -0.37 17.14 5.53
C GLU A 132 -0.24 18.51 6.16
N ALA A 133 0.66 19.36 5.66
CA ALA A 133 0.80 20.71 6.19
C ALA A 133 -0.51 21.47 6.07
N LYS A 134 -0.94 22.07 7.18
CA LYS A 134 -2.17 22.84 7.23
C LYS A 134 -1.86 24.32 7.37
N ASP A 135 -2.58 25.15 6.62
CA ASP A 135 -2.43 26.59 6.75
C ASP A 135 -3.29 27.09 7.90
N LYS A 136 -3.37 28.42 8.04
CA LYS A 136 -4.05 29.07 9.15
C LYS A 136 -5.49 28.60 9.30
N PHE A 137 -6.16 28.28 8.19
CA PHE A 137 -7.55 27.86 8.24
C PHE A 137 -7.71 26.36 8.06
N GLY A 138 -6.65 25.60 8.33
CA GLY A 138 -6.74 24.15 8.36
C GLY A 138 -6.69 23.46 7.02
N LYS A 139 -6.26 24.16 5.98
CA LYS A 139 -6.31 23.62 4.62
C LYS A 139 -4.97 23.00 4.24
N THR A 140 -5.04 21.77 3.76
CA THR A 140 -3.87 21.09 3.19
C THR A 140 -3.74 21.45 1.71
N PRO A 141 -2.59 21.15 1.12
CA PRO A 141 -2.49 21.32 -0.35
C PRO A 141 -3.57 20.55 -1.09
N GLU A 142 -3.94 19.36 -0.61
CA GLU A 142 -5.01 18.61 -1.26
C GLU A 142 -6.32 19.39 -1.23
N ASP A 143 -6.62 20.05 -0.11
CA ASP A 143 -7.83 20.86 -0.03
C ASP A 143 -7.85 21.95 -1.09
N LEU A 144 -6.71 22.59 -1.34
CA LEU A 144 -6.66 23.70 -2.30
C LEU A 144 -6.58 23.23 -3.74
N ALA A 145 -6.29 21.94 -3.98
CA ALA A 145 -6.19 21.44 -5.34
C ALA A 145 -7.56 21.26 -5.99
N ARG A 146 -8.60 21.06 -5.20
CA ARG A 146 -9.96 20.92 -5.72
C ARG A 146 -10.07 19.74 -6.68
N ASP A 147 -9.31 18.67 -6.42
CA ASP A 147 -9.39 17.45 -7.20
C ASP A 147 -9.00 17.69 -8.66
N ASN A 148 -7.79 18.22 -8.85
CA ASN A 148 -7.28 18.60 -10.16
C ASN A 148 -6.19 17.67 -10.67
N GLY A 149 -6.12 16.46 -10.13
CA GLY A 149 -5.04 15.54 -10.41
C GLY A 149 -3.98 15.48 -9.34
N TYR A 150 -4.02 16.41 -8.38
CA TYR A 150 -3.05 16.39 -7.28
C TYR A 150 -3.09 15.08 -6.52
N GLU A 151 -4.29 14.56 -6.23
CA GLU A 151 -4.41 13.44 -5.31
C GLU A 151 -3.65 12.22 -5.83
N ALA A 152 -3.72 11.96 -7.13
CA ALA A 152 -2.99 10.81 -7.69
C ALA A 152 -1.48 11.00 -7.55
N VAL A 153 -0.99 12.21 -7.82
CA VAL A 153 0.43 12.48 -7.68
C VAL A 153 0.87 12.32 -6.23
N ALA A 154 0.08 12.88 -5.30
CA ALA A 154 0.42 12.76 -3.89
C ALA A 154 0.34 11.32 -3.41
N ARG A 155 -0.64 10.55 -3.90
CA ARG A 155 -0.78 9.17 -3.45
C ARG A 155 0.41 8.34 -3.93
N LEU A 156 0.80 8.51 -5.19
CA LEU A 156 2.01 7.83 -5.69
C LEU A 156 3.21 8.12 -4.80
N ALA A 157 3.36 9.38 -4.37
CA ALA A 157 4.51 9.74 -3.56
C ALA A 157 4.41 9.18 -2.14
N GLU A 158 3.21 9.23 -1.56
N GLU A 158 3.23 9.28 -1.53
CA GLU A 158 3.02 8.73 -0.20
CA GLU A 158 3.03 8.71 -0.20
C GLU A 158 3.28 7.22 -0.11
C GLU A 158 3.42 7.23 -0.20
N LEU A 159 2.81 6.47 -1.11
CA LEU A 159 2.97 5.02 -1.07
C LEU A 159 4.42 4.62 -1.29
N ALA A 160 5.12 5.28 -2.21
CA ALA A 160 6.52 4.93 -2.42
C ALA A 160 7.36 5.24 -1.19
N ALA A 161 7.04 6.34 -0.49
CA ALA A 161 7.77 6.67 0.73
C ALA A 161 7.49 5.63 1.83
N LEU A 162 6.24 5.20 1.96
CA LEU A 162 5.92 4.18 2.95
C LEU A 162 6.67 2.88 2.68
N VAL A 163 6.75 2.49 1.42
CA VAL A 163 7.43 1.24 1.07
C VAL A 163 8.91 1.32 1.43
N LEU A 164 9.53 2.47 1.19
CA LEU A 164 10.94 2.64 1.55
C LEU A 164 11.14 2.54 3.06
N LYS A 165 10.18 3.03 3.86
CA LYS A 165 10.29 2.94 5.31
C LYS A 165 10.23 1.51 5.83
N LEU A 166 9.72 0.58 5.03
CA LEU A 166 9.72 -0.82 5.44
C LEU A 166 11.13 -1.39 5.52
N ASN A 167 12.12 -0.70 4.94
CA ASN A 167 13.52 -1.11 5.00
C ASN A 167 14.28 -0.40 6.11
N ALA A 168 13.61 0.41 6.91
CA ALA A 168 14.29 1.14 7.98
C ALA A 168 14.89 0.15 8.99
N ASN A 169 15.83 0.65 9.79
CA ASN A 169 16.46 -0.17 10.83
C ASN A 169 15.93 0.18 12.22
N ASP A 170 14.70 0.69 12.30
CA ASP A 170 14.00 0.88 13.56
C ASP A 170 12.63 0.24 13.41
N ASP A 171 12.31 -0.71 14.29
CA ASP A 171 11.04 -1.42 14.20
C ASP A 171 9.85 -0.46 14.32
N GLN A 172 10.01 0.64 15.06
CA GLN A 172 8.91 1.59 15.20
C GLN A 172 8.63 2.31 13.89
N ILE A 173 9.67 2.63 13.13
CA ILE A 173 9.48 3.24 11.81
C ILE A 173 8.78 2.26 10.89
N ILE A 174 9.22 1.00 10.89
CA ILE A 174 8.56 -0.02 10.09
C ILE A 174 7.10 -0.15 10.50
N GLN A 175 6.84 -0.18 11.82
CA GLN A 175 5.50 -0.44 12.31
C GLN A 175 4.53 0.65 11.89
N GLU A 176 4.91 1.91 12.07
CA GLU A 176 4.01 3.01 11.71
C GLU A 176 3.79 3.07 10.20
N ALA A 177 4.78 2.67 9.41
CA ALA A 177 4.57 2.59 7.96
C ALA A 177 3.60 1.47 7.61
N LEU A 178 3.73 0.33 8.29
CA LEU A 178 2.82 -0.78 8.06
C LEU A 178 1.38 -0.41 8.42
N TRP A 179 1.21 0.38 9.49
CA TRP A 179 -0.13 0.83 9.85
C TRP A 179 -0.78 1.57 8.68
N LYS A 180 -0.05 2.48 8.05
CA LYS A 180 -0.61 3.27 6.97
C LYS A 180 -0.82 2.45 5.71
N LEU A 181 0.13 1.57 5.39
CA LEU A 181 -0.07 0.65 4.27
C LEU A 181 -1.26 -0.26 4.52
N GLY A 182 -1.44 -0.73 5.74
CA GLY A 182 -2.62 -1.52 6.08
C GLY A 182 -3.91 -0.76 5.85
N ASN A 183 -3.90 0.53 6.20
CA ASN A 183 -5.07 1.38 5.94
C ASN A 183 -5.37 1.42 4.43
N HIS A 184 -4.34 1.61 3.61
CA HIS A 184 -4.51 1.60 2.16
C HIS A 184 -5.04 0.26 1.68
N ALA A 185 -4.47 -0.83 2.20
CA ALA A 185 -4.92 -2.15 1.78
C ALA A 185 -6.36 -2.41 2.20
N SER A 186 -6.81 -1.80 3.29
CA SER A 186 -8.19 -1.89 3.73
C SER A 186 -9.17 -1.26 2.74
N GLY A 187 -8.68 -0.49 1.77
CA GLY A 187 -9.54 0.21 0.85
C GLY A 187 -10.20 -0.65 -0.20
N GLY A 188 -9.80 -1.91 -0.30
CA GLY A 188 -10.40 -2.79 -1.28
C GLY A 188 -9.81 -2.60 -2.67
N ASN A 189 -10.53 -3.14 -3.65
CA ASN A 189 -10.02 -3.19 -5.01
C ASN A 189 -9.77 -1.80 -5.59
N LEU A 190 -10.43 -0.76 -5.09
CA LEU A 190 -10.21 0.58 -5.64
C LEU A 190 -8.90 1.21 -5.16
N ARG A 191 -8.18 0.58 -4.22
CA ARG A 191 -6.93 1.11 -3.72
C ARG A 191 -5.77 0.12 -3.78
N ILE A 192 -6.06 -1.18 -3.75
CA ILE A 192 -5.01 -2.18 -3.55
C ILE A 192 -3.98 -2.13 -4.68
N GLN A 193 -4.41 -1.87 -5.92
CA GLN A 193 -3.44 -1.88 -7.01
C GLN A 193 -2.38 -0.78 -6.84
N TRP A 194 -2.76 0.34 -6.22
CA TRP A 194 -1.78 1.38 -5.94
C TRP A 194 -0.69 0.88 -4.99
N VAL A 195 -1.07 0.04 -4.03
CA VAL A 195 -0.10 -0.51 -3.08
C VAL A 195 0.81 -1.49 -3.79
N ILE A 196 0.26 -2.33 -4.67
CA ILE A 196 1.09 -3.25 -5.44
C ILE A 196 2.06 -2.48 -6.32
N ASP A 197 1.56 -1.46 -7.01
CA ASP A 197 2.37 -0.70 -7.96
C ASP A 197 3.46 0.10 -7.27
N ALA A 198 3.30 0.41 -5.98
CA ALA A 198 4.36 1.03 -5.21
C ALA A 198 5.47 0.07 -4.83
N GLY A 199 5.34 -1.22 -5.14
CA GLY A 199 6.39 -2.15 -4.82
C GLY A 199 6.34 -2.70 -3.41
N ALA A 200 5.18 -2.71 -2.78
CA ALA A 200 5.09 -3.09 -1.38
C ALA A 200 5.27 -4.58 -1.16
N LEU A 201 4.94 -5.41 -2.15
CA LEU A 201 4.83 -6.84 -1.88
C LEU A 201 6.17 -7.47 -1.50
N PRO A 202 7.27 -7.24 -2.23
CA PRO A 202 8.54 -7.85 -1.81
C PRO A 202 8.95 -7.46 -0.40
N ALA A 203 8.79 -6.18 -0.05
CA ALA A 203 9.15 -5.75 1.30
C ALA A 203 8.26 -6.40 2.34
N LEU A 204 6.94 -6.47 2.08
CA LEU A 204 6.04 -7.12 3.02
C LEU A 204 6.43 -8.58 3.24
N VAL A 205 6.74 -9.30 2.15
CA VAL A 205 7.14 -10.69 2.28
C VAL A 205 8.41 -10.81 3.10
N GLN A 206 9.40 -9.97 2.80
CA GLN A 206 10.65 -10.02 3.55
C GLN A 206 10.42 -9.77 5.04
N LEU A 207 9.43 -8.97 5.39
CA LEU A 207 9.15 -8.71 6.79
C LEU A 207 8.54 -9.91 7.51
N LEU A 208 8.03 -10.90 6.78
CA LEU A 208 7.49 -12.08 7.42
C LEU A 208 8.56 -12.92 8.10
N SER A 209 9.84 -12.59 7.92
CA SER A 209 10.93 -13.21 8.66
C SER A 209 11.23 -12.48 9.95
N SER A 210 10.56 -11.37 10.22
CA SER A 210 10.84 -10.60 11.42
C SER A 210 10.46 -11.39 12.67
N PRO A 211 11.22 -11.25 13.76
CA PRO A 211 10.78 -11.83 15.04
C PRO A 211 9.77 -10.96 15.77
N ASN A 212 9.54 -9.73 15.31
CA ASN A 212 8.63 -8.79 15.97
C ASN A 212 7.20 -9.16 15.60
N GLU A 213 6.43 -9.61 16.58
CA GLU A 213 5.09 -10.13 16.30
C GLU A 213 4.13 -9.04 15.84
N GLN A 214 4.32 -7.80 16.30
CA GLN A 214 3.46 -6.72 15.82
C GLN A 214 3.74 -6.41 14.37
N ILE A 215 5.00 -6.49 13.94
CA ILE A 215 5.33 -6.32 12.53
C ILE A 215 4.71 -7.45 11.71
N LEU A 216 4.83 -8.68 12.19
CA LEU A 216 4.23 -9.80 11.49
C LEU A 216 2.72 -9.61 11.34
N GLN A 217 2.07 -9.15 12.41
CA GLN A 217 0.62 -9.01 12.37
C GLN A 217 0.19 -7.93 11.39
N GLU A 218 0.90 -6.80 11.36
CA GLU A 218 0.50 -5.73 10.44
C GLU A 218 0.88 -6.06 9.00
N ALA A 219 2.02 -6.76 8.80
CA ALA A 219 2.40 -7.15 7.46
C ALA A 219 1.41 -8.17 6.88
N LEU A 220 1.00 -9.14 7.69
CA LEU A 220 0.04 -10.14 7.24
C LEU A 220 -1.30 -9.50 6.93
N TRP A 221 -1.71 -8.52 7.74
CA TRP A 221 -2.96 -7.82 7.49
C TRP A 221 -2.96 -7.18 6.12
N THR A 222 -1.86 -6.51 5.77
CA THR A 222 -1.75 -5.89 4.45
C THR A 222 -1.71 -6.94 3.35
N LEU A 223 -0.93 -8.02 3.55
CA LEU A 223 -0.83 -9.05 2.53
C LEU A 223 -2.15 -9.74 2.27
N GLY A 224 -2.88 -10.08 3.34
CA GLY A 224 -4.16 -10.76 3.17
C GLY A 224 -5.16 -9.92 2.41
N ASN A 225 -5.14 -8.60 2.63
CA ASN A 225 -6.06 -7.75 1.90
C ASN A 225 -5.68 -7.64 0.43
N ILE A 226 -4.37 -7.61 0.12
CA ILE A 226 -3.96 -7.63 -1.27
C ILE A 226 -4.36 -8.95 -1.91
N ALA A 227 -4.18 -10.06 -1.17
CA ALA A 227 -4.55 -11.38 -1.68
C ALA A 227 -6.06 -11.55 -1.83
N SER A 228 -6.86 -10.61 -1.33
N SER A 228 -6.86 -10.61 -1.33
CA SER A 228 -8.31 -10.66 -1.54
CA SER A 228 -8.30 -10.64 -1.54
C SER A 228 -8.71 -10.04 -2.87
C SER A 228 -8.71 -10.01 -2.86
N GLY A 229 -7.76 -9.59 -3.69
CA GLY A 229 -8.05 -9.02 -4.98
C GLY A 229 -8.27 -10.08 -6.03
N GLY A 230 -8.09 -9.69 -7.28
CA GLY A 230 -8.24 -10.61 -8.39
C GLY A 230 -7.12 -11.61 -8.45
N ASN A 231 -7.21 -12.50 -9.44
CA ASN A 231 -6.20 -13.54 -9.59
C ASN A 231 -4.84 -12.96 -9.96
N GLU A 232 -4.81 -11.85 -10.70
CA GLU A 232 -3.53 -11.21 -11.01
C GLU A 232 -2.90 -10.60 -9.76
N GLN A 233 -3.72 -10.11 -8.83
CA GLN A 233 -3.19 -9.62 -7.56
C GLN A 233 -2.70 -10.77 -6.69
N ILE A 234 -3.44 -11.88 -6.65
CA ILE A 234 -2.96 -13.08 -5.97
C ILE A 234 -1.62 -13.50 -6.56
N GLN A 235 -1.53 -13.52 -7.89
CA GLN A 235 -0.29 -13.94 -8.55
C GLN A 235 0.88 -13.04 -8.17
N ALA A 236 0.62 -11.74 -7.97
CA ALA A 236 1.70 -10.85 -7.54
C ALA A 236 2.18 -11.23 -6.14
N VAL A 237 1.25 -11.58 -5.25
CA VAL A 237 1.63 -12.02 -3.91
C VAL A 237 2.48 -13.28 -4.00
N ILE A 238 2.04 -14.25 -4.81
CA ILE A 238 2.81 -15.48 -4.99
C ILE A 238 4.18 -15.15 -5.57
N ASP A 239 4.20 -14.35 -6.64
CA ASP A 239 5.46 -14.03 -7.31
C ASP A 239 6.41 -13.25 -6.41
N ALA A 240 5.88 -12.56 -5.39
CA ALA A 240 6.73 -11.89 -4.41
C ALA A 240 7.37 -12.86 -3.43
N GLY A 241 6.92 -14.11 -3.41
CA GLY A 241 7.50 -15.12 -2.54
C GLY A 241 6.77 -15.37 -1.23
N ALA A 242 5.47 -15.04 -1.16
CA ALA A 242 4.80 -15.07 0.13
C ALA A 242 4.59 -16.49 0.66
N LEU A 243 4.44 -17.48 -0.23
CA LEU A 243 3.92 -18.77 0.24
C LEU A 243 4.87 -19.47 1.21
N PRO A 244 6.17 -19.63 0.93
CA PRO A 244 7.03 -20.31 1.90
C PRO A 244 7.01 -19.64 3.27
N ALA A 245 7.01 -18.29 3.29
CA ALA A 245 6.97 -17.58 4.55
C ALA A 245 5.64 -17.80 5.26
N LEU A 246 4.53 -17.78 4.52
CA LEU A 246 3.23 -18.00 5.13
C LEU A 246 3.15 -19.39 5.75
N VAL A 247 3.66 -20.40 5.04
CA VAL A 247 3.62 -21.76 5.55
C VAL A 247 4.43 -21.88 6.83
N GLN A 248 5.60 -21.25 6.86
CA GLN A 248 6.41 -21.24 8.08
C GLN A 248 5.62 -20.68 9.26
N LEU A 249 4.85 -19.61 9.03
CA LEU A 249 4.11 -18.96 10.11
C LEU A 249 2.98 -19.81 10.65
N LEU A 250 2.59 -20.88 9.95
CA LEU A 250 1.58 -21.78 10.49
C LEU A 250 2.07 -22.54 11.72
N SER A 251 3.36 -22.41 12.07
CA SER A 251 3.90 -22.94 13.31
C SER A 251 3.97 -21.90 14.42
N SER A 252 3.50 -20.68 14.17
CA SER A 252 3.67 -19.61 15.14
C SER A 252 2.92 -19.93 16.42
N PRO A 253 3.49 -19.62 17.60
CA PRO A 253 2.73 -19.74 18.84
C PRO A 253 1.69 -18.65 19.02
N ASN A 254 1.74 -17.57 18.24
CA ASN A 254 0.81 -16.46 18.37
C ASN A 254 -0.45 -16.76 17.56
N GLU A 255 -1.60 -16.79 18.25
CA GLU A 255 -2.83 -17.20 17.59
C GLU A 255 -3.32 -16.16 16.59
N GLN A 256 -3.05 -14.87 16.82
CA GLN A 256 -3.48 -13.88 15.84
C GLN A 256 -2.66 -14.00 14.56
N ILE A 257 -1.34 -14.18 14.69
CA ILE A 257 -0.51 -14.42 13.51
C ILE A 257 -0.96 -15.67 12.78
N LEU A 258 -1.23 -16.75 13.53
CA LEU A 258 -1.74 -17.98 12.93
C LEU A 258 -3.02 -17.71 12.16
N GLN A 259 -3.95 -16.98 12.75
CA GLN A 259 -5.21 -16.70 12.09
C GLN A 259 -5.01 -15.86 10.83
N GLU A 260 -4.15 -14.84 10.90
CA GLU A 260 -3.92 -13.97 9.75
C GLU A 260 -3.23 -14.72 8.62
N ALA A 261 -2.27 -15.59 8.98
CA ALA A 261 -1.56 -16.36 7.96
C ALA A 261 -2.51 -17.31 7.24
N LEU A 262 -3.37 -18.00 8.00
CA LEU A 262 -4.36 -18.88 7.39
C LEU A 262 -5.31 -18.10 6.49
N TRP A 263 -5.75 -16.92 6.95
CA TRP A 263 -6.63 -16.08 6.16
C TRP A 263 -5.97 -15.67 4.85
N THR A 264 -4.69 -15.31 4.90
CA THR A 264 -3.98 -14.95 3.67
C THR A 264 -3.86 -16.15 2.76
N LEU A 265 -3.53 -17.32 3.31
CA LEU A 265 -3.41 -18.52 2.49
C LEU A 265 -4.75 -18.91 1.88
N GLY A 266 -5.83 -18.77 2.66
CA GLY A 266 -7.16 -19.06 2.12
C GLY A 266 -7.52 -18.14 0.98
N ASN A 267 -7.19 -16.85 1.11
CA ASN A 267 -7.44 -15.91 0.01
C ASN A 267 -6.66 -16.31 -1.24
N ILE A 268 -5.39 -16.67 -1.09
CA ILE A 268 -4.59 -17.12 -2.24
C ILE A 268 -5.22 -18.37 -2.85
N ALA A 269 -5.60 -19.33 -1.99
CA ALA A 269 -6.20 -20.56 -2.47
C ALA A 269 -7.57 -20.35 -3.09
N SER A 270 -8.17 -19.16 -2.96
CA SER A 270 -9.43 -18.88 -3.63
C SER A 270 -9.24 -18.46 -5.09
N GLY A 271 -8.01 -18.47 -5.59
CA GLY A 271 -7.71 -18.09 -6.95
C GLY A 271 -7.82 -19.25 -7.91
N GLY A 272 -7.06 -19.16 -9.00
CA GLY A 272 -7.10 -20.16 -10.04
C GLY A 272 -6.38 -21.44 -9.66
N ASN A 273 -6.47 -22.43 -10.56
CA ASN A 273 -5.91 -23.75 -10.28
C ASN A 273 -4.41 -23.70 -10.09
N GLU A 274 -3.70 -22.95 -10.94
CA GLU A 274 -2.26 -22.81 -10.79
C GLU A 274 -1.90 -22.17 -9.46
N GLN A 275 -2.75 -21.28 -8.95
CA GLN A 275 -2.49 -20.64 -7.67
C GLN A 275 -2.82 -21.56 -6.50
N ILE A 276 -3.86 -22.37 -6.62
CA ILE A 276 -4.06 -23.48 -5.69
C ILE A 276 -2.83 -24.38 -5.69
N GLN A 277 -2.32 -24.73 -6.87
CA GLN A 277 -1.17 -25.63 -6.95
C GLN A 277 0.05 -25.03 -6.29
N ALA A 278 0.22 -23.71 -6.37
CA ALA A 278 1.33 -23.06 -5.68
C ALA A 278 1.23 -23.27 -4.17
N VAL A 279 0.01 -23.15 -3.62
CA VAL A 279 -0.17 -23.38 -2.18
C VAL A 279 0.21 -24.82 -1.83
N ILE A 280 -0.24 -25.78 -2.63
CA ILE A 280 0.11 -27.17 -2.40
C ILE A 280 1.61 -27.37 -2.48
N ASP A 281 2.23 -26.82 -3.54
CA ASP A 281 3.66 -27.01 -3.76
C ASP A 281 4.49 -26.39 -2.63
N ALA A 282 3.95 -25.39 -1.96
CA ALA A 282 4.67 -24.78 -0.85
C ALA A 282 4.57 -25.58 0.44
N GLY A 283 3.82 -26.68 0.44
CA GLY A 283 3.76 -27.55 1.60
C GLY A 283 2.77 -27.14 2.66
N ALA A 284 1.69 -26.45 2.30
CA ALA A 284 0.74 -25.97 3.28
C ALA A 284 -0.16 -27.06 3.85
N LEU A 285 -0.43 -28.12 3.08
CA LEU A 285 -1.47 -29.05 3.48
C LEU A 285 -1.19 -29.73 4.82
N PRO A 286 0.02 -30.22 5.11
CA PRO A 286 0.22 -30.86 6.42
C PRO A 286 -0.17 -29.98 7.58
N ALA A 287 0.23 -28.71 7.57
CA ALA A 287 -0.11 -27.82 8.66
C ALA A 287 -1.62 -27.54 8.70
N LEU A 288 -2.23 -27.35 7.53
CA LEU A 288 -3.67 -27.11 7.49
C LEU A 288 -4.45 -28.26 8.10
N VAL A 289 -4.06 -29.50 7.80
CA VAL A 289 -4.78 -30.64 8.33
C VAL A 289 -4.61 -30.72 9.84
N GLN A 290 -3.41 -30.41 10.32
CA GLN A 290 -3.16 -30.47 11.76
C GLN A 290 -4.00 -29.43 12.50
N LEU A 291 -4.17 -28.26 11.89
CA LEU A 291 -4.93 -27.19 12.54
C LEU A 291 -6.42 -27.46 12.58
N LEU A 292 -6.91 -28.48 11.87
CA LEU A 292 -8.29 -28.92 12.05
C LEU A 292 -8.56 -29.44 13.44
N SER A 293 -7.51 -29.74 14.21
CA SER A 293 -7.64 -30.15 15.60
C SER A 293 -7.44 -28.98 16.56
N SER A 294 -7.42 -27.76 16.06
CA SER A 294 -7.12 -26.61 16.90
C SER A 294 -8.26 -26.37 17.89
N PRO A 295 -7.95 -26.13 19.16
CA PRO A 295 -9.02 -25.74 20.10
C PRO A 295 -9.58 -24.36 19.83
N ASN A 296 -8.84 -23.52 19.09
CA ASN A 296 -9.31 -22.18 18.72
C ASN A 296 -10.22 -22.32 17.50
N GLU A 297 -11.51 -21.99 17.68
CA GLU A 297 -12.48 -22.23 16.61
C GLU A 297 -12.26 -21.32 15.41
N GLN A 298 -11.69 -20.13 15.63
CA GLN A 298 -11.43 -19.24 14.49
C GLN A 298 -10.27 -19.77 13.65
N ILE A 299 -9.23 -20.29 14.28
CA ILE A 299 -8.14 -20.92 13.55
C ILE A 299 -8.65 -22.18 12.85
N LEU A 300 -9.42 -22.99 13.56
CA LEU A 300 -10.00 -24.20 12.97
C LEU A 300 -10.80 -23.85 11.72
N GLN A 301 -11.67 -22.84 11.83
CA GLN A 301 -12.52 -22.47 10.70
C GLN A 301 -11.71 -21.88 9.55
N GLU A 302 -10.63 -21.16 9.85
CA GLU A 302 -9.83 -20.56 8.78
C GLU A 302 -9.06 -21.64 8.01
N ALA A 303 -8.55 -22.65 8.73
CA ALA A 303 -7.92 -23.78 8.05
C ALA A 303 -8.92 -24.57 7.25
N LEU A 304 -10.12 -24.79 7.81
CA LEU A 304 -11.17 -25.50 7.09
C LEU A 304 -11.49 -24.79 5.79
N TRP A 305 -11.60 -23.47 5.84
CA TRP A 305 -11.96 -22.70 4.64
C TRP A 305 -10.84 -22.76 3.60
N THR A 306 -9.58 -22.65 4.02
CA THR A 306 -8.47 -22.79 3.09
C THR A 306 -8.50 -24.14 2.40
N LEU A 307 -8.72 -25.21 3.18
CA LEU A 307 -8.78 -26.54 2.60
C LEU A 307 -9.93 -26.67 1.61
N GLY A 308 -11.09 -26.11 1.94
CA GLY A 308 -12.19 -26.12 1.00
C GLY A 308 -11.86 -25.40 -0.29
N ASN A 309 -11.13 -24.28 -0.20
CA ASN A 309 -10.70 -23.58 -1.41
C ASN A 309 -9.74 -24.44 -2.23
N ILE A 310 -8.78 -25.08 -1.58
CA ILE A 310 -7.87 -25.96 -2.30
C ILE A 310 -8.65 -27.09 -2.96
N ALA A 311 -9.60 -27.66 -2.24
CA ALA A 311 -10.43 -28.74 -2.77
C ALA A 311 -11.39 -28.28 -3.84
N SER A 312 -11.47 -26.97 -4.12
CA SER A 312 -12.27 -26.49 -5.24
C SER A 312 -11.51 -26.53 -6.56
N GLY A 313 -10.30 -27.07 -6.56
CA GLY A 313 -9.48 -27.18 -7.75
C GLY A 313 -9.75 -28.46 -8.52
N GLY A 314 -8.73 -28.89 -9.26
CA GLY A 314 -8.83 -30.08 -10.07
C GLY A 314 -8.72 -31.36 -9.25
N ASN A 315 -8.95 -32.48 -9.94
CA ASN A 315 -8.93 -33.78 -9.26
C ASN A 315 -7.59 -34.05 -8.59
N GLU A 316 -6.49 -33.68 -9.24
CA GLU A 316 -5.18 -33.91 -8.64
C GLU A 316 -4.97 -33.06 -7.39
N GLN A 317 -5.58 -31.88 -7.35
CA GLN A 317 -5.47 -31.03 -6.17
C GLN A 317 -6.37 -31.53 -5.04
N ILE A 318 -7.56 -32.01 -5.38
CA ILE A 318 -8.39 -32.72 -4.40
C ILE A 318 -7.61 -33.89 -3.82
N GLN A 319 -6.98 -34.68 -4.70
CA GLN A 319 -6.27 -35.87 -4.22
C GLN A 319 -5.13 -35.50 -3.28
N ALA A 320 -4.49 -34.35 -3.50
CA ALA A 320 -3.46 -33.89 -2.58
C ALA A 320 -4.03 -33.67 -1.18
N VAL A 321 -5.23 -33.08 -1.10
CA VAL A 321 -5.89 -32.92 0.19
C VAL A 321 -6.15 -34.27 0.84
N ILE A 322 -6.65 -35.23 0.05
CA ILE A 322 -6.90 -36.57 0.58
C ILE A 322 -5.60 -37.21 1.05
N ASP A 323 -4.55 -37.10 0.25
CA ASP A 323 -3.27 -37.72 0.59
C ASP A 323 -2.65 -37.10 1.83
N ALA A 324 -3.07 -35.90 2.21
CA ALA A 324 -2.59 -35.29 3.45
C ALA A 324 -3.37 -35.73 4.66
N GLY A 325 -4.37 -36.60 4.51
CA GLY A 325 -5.09 -37.14 5.64
C GLY A 325 -6.22 -36.27 6.13
N ALA A 326 -6.76 -35.40 5.27
CA ALA A 326 -7.80 -34.48 5.70
C ALA A 326 -9.11 -35.17 6.04
N LEU A 327 -9.43 -36.29 5.38
CA LEU A 327 -10.80 -36.79 5.45
C LEU A 327 -11.20 -37.27 6.85
N PRO A 328 -10.36 -37.99 7.57
CA PRO A 328 -10.76 -38.39 8.93
C PRO A 328 -11.06 -37.21 9.82
N ALA A 329 -10.24 -36.16 9.77
CA ALA A 329 -10.52 -34.97 10.55
C ALA A 329 -11.80 -34.29 10.08
N LEU A 330 -11.99 -34.17 8.77
CA LEU A 330 -13.21 -33.55 8.25
C LEU A 330 -14.45 -34.32 8.68
N VAL A 331 -14.40 -35.66 8.62
CA VAL A 331 -15.54 -36.46 9.03
C VAL A 331 -15.84 -36.26 10.51
N GLN A 332 -14.79 -36.20 11.34
CA GLN A 332 -15.00 -35.91 12.76
C GLN A 332 -15.74 -34.60 12.94
N LEU A 333 -15.38 -33.58 12.16
CA LEU A 333 -15.99 -32.26 12.32
C LEU A 333 -17.47 -32.25 11.96
N LEU A 334 -17.95 -33.26 11.24
CA LEU A 334 -19.39 -33.36 10.98
C LEU A 334 -20.17 -33.68 12.25
N SER A 335 -19.49 -34.03 13.34
CA SER A 335 -20.12 -34.19 14.65
C SER A 335 -20.00 -32.94 15.50
N SER A 336 -19.55 -31.82 14.92
CA SER A 336 -19.33 -30.62 15.71
C SER A 336 -20.66 -30.07 16.22
N PRO A 337 -20.71 -29.63 17.48
CA PRO A 337 -21.89 -28.86 17.92
C PRO A 337 -21.98 -27.51 17.23
N ASN A 338 -20.85 -26.93 16.84
CA ASN A 338 -20.83 -25.61 16.20
C ASN A 338 -21.41 -25.73 14.79
N GLU A 339 -22.44 -24.92 14.51
CA GLU A 339 -23.14 -25.03 13.24
C GLU A 339 -22.41 -24.33 12.10
N GLN A 340 -21.55 -23.35 12.39
CA GLN A 340 -20.71 -22.78 11.34
C GLN A 340 -19.65 -23.78 10.90
N ILE A 341 -18.93 -24.36 11.85
CA ILE A 341 -17.92 -25.36 11.52
C ILE A 341 -18.55 -26.54 10.81
N LEU A 342 -19.77 -26.92 11.21
CA LEU A 342 -20.46 -28.01 10.53
C LEU A 342 -20.74 -27.67 9.08
N GLN A 343 -21.19 -26.43 8.82
CA GLN A 343 -21.49 -26.04 7.45
C GLN A 343 -20.22 -25.98 6.61
N GLU A 344 -19.14 -25.42 7.16
CA GLU A 344 -17.91 -25.30 6.41
C GLU A 344 -17.27 -26.66 6.16
N ALA A 345 -17.44 -27.61 7.08
CA ALA A 345 -16.93 -28.96 6.86
C ALA A 345 -17.70 -29.66 5.75
N LEU A 346 -19.02 -29.43 5.69
CA LEU A 346 -19.82 -30.00 4.60
C LEU A 346 -19.40 -29.41 3.26
N TRP A 347 -19.13 -28.11 3.22
CA TRP A 347 -18.70 -27.47 1.97
C TRP A 347 -17.38 -28.05 1.48
N THR A 348 -16.39 -28.13 2.38
CA THR A 348 -15.10 -28.70 2.02
C THR A 348 -15.25 -30.15 1.57
N LEU A 349 -16.00 -30.96 2.34
CA LEU A 349 -16.16 -32.36 1.96
C LEU A 349 -16.91 -32.49 0.65
N GLY A 350 -17.90 -31.63 0.41
CA GLY A 350 -18.59 -31.64 -0.88
C GLY A 350 -17.67 -31.32 -2.04
N ASN A 351 -16.77 -30.36 -1.85
CA ASN A 351 -15.78 -30.07 -2.89
C ASN A 351 -14.93 -31.29 -3.17
N ILE A 352 -14.46 -31.97 -2.13
CA ILE A 352 -13.68 -33.18 -2.32
C ILE A 352 -14.49 -34.23 -3.06
N ALA A 353 -15.76 -34.37 -2.69
CA ALA A 353 -16.63 -35.37 -3.30
C ALA A 353 -16.96 -35.03 -4.75
N SER A 354 -16.71 -33.79 -5.19
CA SER A 354 -16.93 -33.41 -6.58
C SER A 354 -15.80 -33.86 -7.49
N GLY A 355 -14.78 -34.53 -6.94
CA GLY A 355 -13.69 -35.03 -7.76
C GLY A 355 -14.07 -36.27 -8.54
N GLY A 356 -13.08 -37.03 -8.95
CA GLY A 356 -13.32 -38.24 -9.71
C GLY A 356 -13.67 -39.43 -8.82
N ASN A 357 -13.79 -40.59 -9.49
N ASN A 357 -13.77 -40.60 -9.46
CA ASN A 357 -14.12 -41.82 -8.79
CA ASN A 357 -14.16 -41.79 -8.72
C ASN A 357 -13.16 -42.07 -7.64
C ASN A 357 -13.16 -42.15 -7.65
N GLU A 358 -11.86 -41.90 -7.89
CA GLU A 358 -10.86 -42.14 -6.85
C GLU A 358 -11.13 -41.27 -5.64
N GLN A 359 -11.46 -39.99 -5.87
CA GLN A 359 -11.73 -39.08 -4.77
C GLN A 359 -13.04 -39.43 -4.07
N LYS A 360 -14.08 -39.77 -4.85
CA LYS A 360 -15.35 -40.17 -4.24
C LYS A 360 -15.18 -41.41 -3.37
N GLN A 361 -14.37 -42.37 -3.83
CA GLN A 361 -14.18 -43.60 -3.07
C GLN A 361 -13.50 -43.34 -1.74
N ALA A 362 -12.55 -42.41 -1.70
CA ALA A 362 -11.89 -42.09 -0.43
C ALA A 362 -12.88 -41.47 0.55
N VAL A 363 -13.79 -40.64 0.05
CA VAL A 363 -14.80 -40.02 0.91
C VAL A 363 -15.69 -41.09 1.51
N LYS A 364 -16.12 -42.07 0.71
CA LYS A 364 -16.97 -43.13 1.23
C LYS A 364 -16.21 -44.01 2.22
N GLU A 365 -14.96 -44.34 1.93
CA GLU A 365 -14.18 -45.16 2.84
C GLU A 365 -13.90 -44.44 4.14
N ALA A 366 -13.87 -43.11 4.13
CA ALA A 366 -13.74 -42.35 5.36
C ALA A 366 -15.02 -42.34 6.19
N GLY A 367 -16.09 -42.96 5.69
CA GLY A 367 -17.33 -43.02 6.44
C GLY A 367 -18.16 -41.76 6.38
N ALA A 368 -18.00 -40.95 5.34
CA ALA A 368 -18.73 -39.70 5.24
C ALA A 368 -20.20 -39.88 4.83
N LEU A 369 -20.53 -41.00 4.19
CA LEU A 369 -21.89 -41.18 3.68
C LEU A 369 -22.89 -41.27 4.84
N GLU A 370 -22.56 -42.08 5.86
CA GLU A 370 -23.43 -42.18 7.03
C GLU A 370 -23.82 -40.80 7.56
N LYS A 371 -22.84 -39.91 7.67
CA LYS A 371 -23.10 -38.61 8.29
C LYS A 371 -23.71 -37.62 7.32
N LEU A 372 -23.41 -37.74 6.02
CA LEU A 372 -24.04 -36.86 5.04
C LEU A 372 -25.54 -37.13 4.92
N GLU A 373 -25.93 -38.40 4.93
CA GLU A 373 -27.35 -38.74 4.85
C GLU A 373 -28.07 -38.38 6.14
N GLN A 374 -27.36 -38.37 7.26
CA GLN A 374 -27.94 -37.96 8.53
C GLN A 374 -28.18 -36.45 8.54
N LEU A 375 -27.21 -35.67 8.07
CA LEU A 375 -27.34 -34.23 8.02
C LEU A 375 -28.26 -33.77 6.89
N GLN A 376 -28.59 -34.65 5.94
CA GLN A 376 -29.58 -34.32 4.93
C GLN A 376 -30.91 -33.93 5.55
N SER A 377 -31.21 -34.47 6.73
CA SER A 377 -32.46 -34.18 7.42
C SER A 377 -32.27 -33.21 8.59
N HIS A 378 -31.13 -32.52 8.64
CA HIS A 378 -30.87 -31.59 9.73
C HIS A 378 -31.91 -30.47 9.72
N GLU A 379 -32.30 -30.03 10.92
CA GLU A 379 -33.36 -29.03 11.04
C GLU A 379 -32.90 -27.63 10.69
N ASN A 380 -31.60 -27.36 10.71
CA ASN A 380 -31.06 -26.09 10.25
C ASN A 380 -31.01 -26.11 8.72
N GLU A 381 -31.71 -25.15 8.09
CA GLU A 381 -31.86 -25.21 6.64
C GLU A 381 -30.51 -25.04 5.92
N LYS A 382 -29.65 -24.17 6.43
CA LYS A 382 -28.36 -23.96 5.78
C LYS A 382 -27.53 -25.24 5.77
N ILE A 383 -27.38 -25.88 6.94
CA ILE A 383 -26.70 -27.16 7.00
C ILE A 383 -27.41 -28.19 6.13
N GLN A 384 -28.74 -28.16 6.11
CA GLN A 384 -29.48 -29.04 5.23
C GLN A 384 -29.09 -28.86 3.78
N LYS A 385 -28.95 -27.60 3.35
CA LYS A 385 -28.56 -27.33 1.97
C LYS A 385 -27.19 -27.93 1.66
N GLU A 386 -26.18 -27.58 2.46
CA GLU A 386 -24.83 -28.03 2.18
C GLU A 386 -24.72 -29.55 2.22
N ALA A 387 -25.43 -30.19 3.15
CA ALA A 387 -25.43 -31.64 3.20
C ALA A 387 -26.07 -32.23 1.94
N GLN A 388 -27.16 -31.60 1.48
CA GLN A 388 -27.81 -32.07 0.26
C GLN A 388 -26.90 -31.89 -0.94
N GLU A 389 -26.32 -30.69 -1.10
CA GLU A 389 -25.46 -30.42 -2.24
C GLU A 389 -24.19 -31.27 -2.19
N ALA A 390 -23.65 -31.49 -0.99
CA ALA A 390 -22.45 -32.32 -0.87
C ALA A 390 -22.75 -33.75 -1.26
N LEU A 391 -23.86 -34.30 -0.75
CA LEU A 391 -24.25 -35.66 -1.13
C LEU A 391 -24.52 -35.74 -2.63
N GLU A 392 -25.06 -34.67 -3.22
CA GLU A 392 -25.26 -34.63 -4.66
C GLU A 392 -23.92 -34.75 -5.39
N LYS A 393 -22.94 -33.93 -5.00
CA LYS A 393 -21.62 -34.01 -5.61
C LYS A 393 -21.04 -35.40 -5.48
N LEU A 394 -21.18 -36.02 -4.30
CA LEU A 394 -20.66 -37.37 -4.10
C LEU A 394 -21.33 -38.37 -5.02
N GLN A 395 -22.63 -38.20 -5.27
CA GLN A 395 -23.41 -39.18 -6.01
C GLN A 395 -23.41 -38.95 -7.52
N SER A 396 -23.13 -37.73 -7.97
CA SER A 396 -23.19 -37.44 -9.39
C SER A 396 -21.99 -38.08 -10.12
N HIS A 397 -22.05 -38.02 -11.45
CA HIS A 397 -21.01 -38.55 -12.33
C HIS A 397 -20.32 -39.78 -11.75
CL CL B . 4.34 21.84 -13.05
CL CL C . 11.40 27.71 -14.93
C1 EDO D . -1.88 32.44 -12.74
O1 EDO D . -2.54 32.61 -14.01
C2 EDO D . -1.21 31.06 -12.66
O2 EDO D . -0.21 31.11 -11.63
H11 EDO D . -1.13 33.22 -12.62
H12 EDO D . -2.61 32.54 -11.94
HO1 EDO D . -2.76 33.54 -14.13
H21 EDO D . -0.75 30.81 -13.62
H22 EDO D . -1.95 30.30 -12.43
HO2 EDO D . 0.30 30.28 -11.63
C1 EDO E . -10.51 -13.85 -6.17
O1 EDO E . -10.99 -14.86 -5.28
C2 EDO E . -10.75 -14.27 -7.62
O2 EDO E . -12.13 -14.11 -7.96
H11 EDO E . -11.05 -12.91 -5.97
H12 EDO E . -9.45 -13.67 -6.00
HO1 EDO E . -10.81 -14.60 -4.37
H21 EDO E . -10.45 -15.33 -7.74
H22 EDO E . -10.12 -13.67 -8.28
HO2 EDO E . -12.25 -14.34 -8.89
C1 EDO F . 15.99 35.83 -21.81
O1 EDO F . 16.96 36.03 -20.79
C2 EDO F . 14.60 36.12 -21.26
O2 EDO F . 14.53 37.48 -20.80
H11 EDO F . 16.04 34.80 -22.17
H12 EDO F . 16.20 36.49 -22.66
HO1 EDO F . 17.84 35.87 -21.14
H21 EDO F . 13.84 35.96 -22.05
H22 EDO F . 14.37 35.44 -20.45
HO2 EDO F . 13.64 37.66 -20.46
C1 EDO G . 7.63 9.62 -5.26
O1 EDO G . 7.06 8.80 -6.28
C2 EDO G . 7.83 8.79 -3.99
O2 EDO G . 7.95 9.66 -2.84
H11 EDO G . 8.60 9.99 -5.61
H12 EDO G . 6.99 10.47 -5.06
HO1 EDO G . 6.86 9.35 -7.05
H21 EDO G . 8.72 8.18 -4.07
H22 EDO G . 6.98 8.12 -3.85
HO2 EDO G . 7.92 9.13 -2.03
C1 EDO H . -2.17 -39.50 5.30
O1 EDO H . -1.45 -40.73 5.36
C2 EDO H . -1.28 -38.35 5.75
O2 EDO H . -0.44 -37.93 4.67
H11 EDO H . -2.52 -39.32 4.28
H12 EDO H . -3.05 -39.56 5.95
HO1 EDO H . -2.04 -41.46 5.12
H21 EDO H . -0.67 -38.66 6.60
H22 EDO H . -1.90 -37.51 6.08
HO2 EDO H . 0.13 -37.21 4.97
C1 EDO I . 5.77 22.58 8.40
O1 EDO I . 7.06 23.22 8.42
C2 EDO I . 4.69 23.62 8.70
O2 EDO I . 3.52 23.32 7.94
H11 EDO I . 5.60 22.14 7.42
H12 EDO I . 5.74 21.79 9.14
HO1 EDO I . 7.73 22.59 8.14
H21 EDO I . 5.06 24.61 8.44
H22 EDO I . 4.45 23.60 9.76
HO2 EDO I . 2.86 24.01 8.07
C1 EDO J . -16.27 -35.91 -11.72
O1 EDO J . -16.70 -35.38 -10.47
C2 EDO J . -15.95 -34.74 -12.66
O2 EDO J . -16.93 -33.73 -12.55
H11 EDO J . -17.04 -36.53 -12.16
H12 EDO J . -15.38 -36.52 -11.58
HO1 EDO J . -16.97 -36.10 -9.89
H21 EDO J . -14.96 -34.33 -12.40
H22 EDO J . -15.89 -35.11 -13.68
HO2 EDO J . -16.68 -32.98 -13.11
#